data_8GEQ
#
_entry.id   8GEQ
#
_cell.length_a   179.728
_cell.length_b   179.728
_cell.length_c   134.542
_cell.angle_alpha   90.000
_cell.angle_beta   90.000
_cell.angle_gamma   120.000
#
_symmetry.space_group_name_H-M   'P 64 2 2'
#
loop_
_entity.id
_entity.type
_entity.pdbx_description
1 polymer Beta-glucuronidase
2 non-polymer 4-amino-5-chloro-2-{4-(1-beta-D-glucopyranuronosylpiperidin-4-yl)-5-methyl-2-[(propan-2-yl)oxy]anilino}pyrimidine
3 water water
#
_entity_poly.entity_id   1
_entity_poly.type   'polypeptide(L)'
_entity_poly.pdbx_seq_one_letter_code
;SNAMLYPVLTQSRLLSDLSGVWNFKLDNGKGFEEKWYEKPLKDADTMPVPASYNDLKEGTDFRDHYGWVFYQRNISVPEY
VKSQRIVLRCAAVTHYAMIYLNGKLICEHKGGFLPFEVELNDDLQDGDNLLTIAVNNVIDYTTLPVGGKANMMSGMMGGM
GAGASDKPQNNPNFDFFNYCGITRPVKIYTTPETYINDITVTADIDFTKEEPSAVLNYNVEIKGKDYNNITCKVELFDEE
GTKLSETEGSEGTFEISNVRLWQPLNAYLYKIKVTAGQDVYTLPYGVRSVRVDGTKFLINEKPFYFKGYGKHEDTFPNGR
GINLPMNTKDISIMKWQHANSFRTSHYPYSEEMMRLCDEEGIVVIDETTAVGVNLQFGGGANFGGERIGTFDKEHGVQTQ
EHHKDVIRDLISRDKNHACVVMWSIANEPDSAAEGAYDYFKPLYDLARELDPQKRPCTLVSVQGTTADTDCSSQLSDVIC
LNRYYGWYFGGPDLEVSETGLRKELSDWGKLGKPVMFTEYGADTVSGLHDTTSVMYTEEYQVEYYEMNNKVFDEFDFVVG
EQAWNFADFATSQSLLRVQGNKKGLFTRDRKPKMVAHYFRNRWSAIPEFGYKTK
;
_entity_poly.pdbx_strand_id   A
#
# COMPACT_ATOMS: atom_id res chain seq x y z
N ASN A 2 -6.04 13.53 -10.78
CA ASN A 2 -7.02 12.48 -10.48
C ASN A 2 -6.56 11.11 -11.00
N ALA A 3 -6.37 11.01 -12.32
CA ALA A 3 -6.00 9.76 -12.96
C ALA A 3 -4.49 9.67 -13.12
N MET A 4 -3.95 8.45 -12.94
CA MET A 4 -2.50 8.25 -12.87
C MET A 4 -2.18 6.85 -13.40
N LEU A 5 -1.81 6.77 -14.66
CA LEU A 5 -1.38 5.51 -15.25
C LEU A 5 0.12 5.35 -15.08
N TYR A 6 0.55 4.10 -14.96
CA TYR A 6 1.95 3.82 -14.68
C TYR A 6 2.78 4.18 -15.89
N PRO A 7 3.72 5.12 -15.77
CA PRO A 7 4.55 5.50 -16.93
C PRO A 7 5.45 4.35 -17.38
N VAL A 8 5.34 4.02 -18.67
CA VAL A 8 6.19 3.00 -19.29
C VAL A 8 6.78 3.54 -20.58
N LEU A 9 7.48 2.68 -21.32
CA LEU A 9 8.05 3.03 -22.60
C LEU A 9 7.08 2.60 -23.70
N THR A 10 6.83 3.51 -24.63
CA THR A 10 5.83 3.31 -25.66
C THR A 10 6.25 4.01 -26.93
N GLN A 11 5.65 3.60 -28.05
CA GLN A 11 5.94 4.24 -29.33
C GLN A 11 5.71 5.74 -29.31
N SER A 12 4.87 6.24 -28.40
CA SER A 12 4.45 7.63 -28.39
C SER A 12 4.99 8.41 -27.20
N ARG A 13 5.55 7.75 -26.20
CA ARG A 13 5.94 8.41 -24.96
C ARG A 13 7.33 7.93 -24.54
N LEU A 14 8.14 8.85 -24.03
CA LEU A 14 9.43 8.49 -23.46
C LEU A 14 9.35 8.33 -21.95
N LEU A 15 10.45 7.86 -21.39
CA LEU A 15 10.59 7.69 -19.94
C LEU A 15 12.03 8.01 -19.58
N SER A 16 12.24 9.13 -18.90
CA SER A 16 13.56 9.56 -18.47
C SER A 16 13.62 9.50 -16.94
N ASP A 17 14.13 8.38 -16.41
CA ASP A 17 14.30 8.26 -14.96
C ASP A 17 15.30 9.28 -14.45
N LEU A 18 14.90 10.06 -13.46
CA LEU A 18 15.78 11.05 -12.85
C LEU A 18 16.60 10.48 -11.70
N SER A 19 16.55 9.17 -11.48
CA SER A 19 17.21 8.59 -10.32
C SER A 19 18.73 8.71 -10.42
N GLY A 20 19.37 8.94 -9.28
CA GLY A 20 20.79 9.17 -9.19
C GLY A 20 21.13 9.91 -7.91
N VAL A 21 22.33 10.45 -7.85
CA VAL A 21 22.78 11.14 -6.65
C VAL A 21 22.50 12.63 -6.83
N TRP A 22 21.54 13.15 -6.08
CA TRP A 22 21.19 14.56 -6.15
C TRP A 22 21.99 15.37 -5.12
N ASN A 23 21.90 16.69 -5.25
CA ASN A 23 22.37 17.58 -4.21
C ASN A 23 21.35 17.61 -3.07
N PHE A 24 21.82 17.85 -1.84
CA PHE A 24 20.94 17.67 -0.70
C PHE A 24 21.44 18.46 0.51
N LYS A 25 20.56 19.25 1.10
CA LYS A 25 20.88 20.02 2.31
C LYS A 25 19.69 19.89 3.27
N LEU A 26 19.99 19.74 4.56
CA LEU A 26 18.96 19.81 5.59
C LEU A 26 18.58 21.25 5.88
N ASP A 27 17.28 21.52 5.95
CA ASP A 27 16.82 22.86 6.32
C ASP A 27 17.26 23.19 7.74
N ASN A 28 17.59 24.46 7.97
CA ASN A 28 17.89 24.96 9.30
C ASN A 28 16.83 25.93 9.81
N GLY A 29 15.75 26.13 9.07
CA GLY A 29 14.77 27.14 9.40
C GLY A 29 14.82 28.29 8.42
N LYS A 30 15.98 28.87 8.25
CA LYS A 30 16.16 29.99 7.33
C LYS A 30 16.12 29.55 5.87
N GLY A 31 15.69 28.31 5.61
CA GLY A 31 15.80 27.78 4.26
C GLY A 31 14.94 28.53 3.26
N PHE A 32 13.65 28.66 3.57
CA PHE A 32 12.73 29.31 2.63
C PHE A 32 12.95 30.81 2.59
N GLU A 33 13.23 31.41 3.75
CA GLU A 33 13.66 32.79 3.78
C GLU A 33 14.71 33.06 2.71
N GLU A 34 15.86 32.38 2.80
CA GLU A 34 16.96 32.64 1.89
C GLU A 34 16.74 32.06 0.51
N LYS A 35 15.51 31.68 0.20
CA LYS A 35 15.12 31.23 -1.12
C LYS A 35 16.17 30.32 -1.74
N TRP A 36 16.55 29.28 -0.98
CA TRP A 36 17.52 28.31 -1.47
C TRP A 36 17.10 27.65 -2.76
N TYR A 37 15.80 27.62 -3.05
CA TYR A 37 15.33 26.95 -4.25
C TYR A 37 15.74 27.69 -5.53
N GLU A 38 16.11 28.98 -5.41
CA GLU A 38 16.50 29.75 -6.60
C GLU A 38 17.97 29.52 -6.91
N LYS A 39 18.83 29.69 -5.91
CA LYS A 39 20.26 29.39 -6.00
C LYS A 39 20.52 27.89 -5.89
N PRO A 40 21.65 27.40 -6.39
CA PRO A 40 22.05 26.03 -6.10
C PRO A 40 22.56 25.94 -4.67
N LEU A 41 22.29 24.80 -4.03
CA LEU A 41 22.52 24.68 -2.60
C LEU A 41 23.99 24.81 -2.25
N LYS A 42 24.29 25.68 -1.29
CA LYS A 42 25.66 25.93 -0.88
C LYS A 42 26.03 24.97 0.24
N ASP A 43 27.28 24.48 0.21
CA ASP A 43 27.77 23.50 1.18
C ASP A 43 26.89 22.25 1.17
N ALA A 44 26.57 21.77 -0.02
CA ALA A 44 25.54 20.74 -0.17
C ALA A 44 26.02 19.39 0.36
N ASP A 45 25.21 18.37 0.10
CA ASP A 45 25.50 17.00 0.47
C ASP A 45 24.90 16.12 -0.63
N THR A 46 25.25 14.84 -0.61
CA THR A 46 24.80 13.94 -1.66
C THR A 46 23.72 13.01 -1.12
N MET A 47 22.80 12.61 -2.00
CA MET A 47 21.72 11.77 -1.55
C MET A 47 21.05 11.03 -2.71
N PRO A 48 21.13 9.71 -2.74
CA PRO A 48 20.49 8.97 -3.85
C PRO A 48 18.98 9.14 -3.84
N VAL A 49 18.40 9.14 -5.04
CA VAL A 49 16.96 9.18 -5.24
C VAL A 49 16.66 8.07 -6.24
N PRO A 50 15.72 7.17 -5.98
CA PRO A 50 14.78 7.12 -4.85
C PRO A 50 15.37 6.56 -3.55
N ALA A 51 14.93 7.08 -2.39
CA ALA A 51 15.25 6.49 -1.10
C ALA A 51 14.89 7.42 0.06
N SER A 52 14.47 6.84 1.18
CA SER A 52 14.40 7.61 2.42
C SER A 52 15.80 8.06 2.76
N TYR A 53 15.90 9.25 3.35
CA TYR A 53 17.22 9.77 3.71
C TYR A 53 17.63 9.43 5.14
N ASN A 54 16.74 8.88 5.96
CA ASN A 54 16.99 8.91 7.39
C ASN A 54 18.17 8.05 7.81
N ASP A 55 18.45 6.98 7.11
CA ASP A 55 19.48 6.04 7.50
C ASP A 55 20.75 6.14 6.66
N LEU A 56 20.82 7.06 5.72
CA LEU A 56 21.97 7.13 4.82
C LEU A 56 23.07 8.09 5.30
N LYS A 57 22.99 8.61 6.53
CA LYS A 57 24.10 9.34 7.09
C LYS A 57 24.18 8.97 8.56
N GLU A 58 25.23 9.41 9.23
CA GLU A 58 25.47 9.02 10.60
C GLU A 58 25.04 10.15 11.51
N GLY A 59 24.77 9.81 12.76
CA GLY A 59 24.43 10.82 13.74
C GLY A 59 22.93 10.96 13.92
N THR A 60 22.49 11.17 15.16
CA THR A 60 21.06 11.34 15.39
C THR A 60 20.53 12.61 14.74
N ASP A 61 21.35 13.65 14.59
CA ASP A 61 20.87 14.88 13.98
C ASP A 61 20.26 14.62 12.61
N PHE A 62 20.71 13.58 11.92
CA PHE A 62 20.19 13.24 10.61
C PHE A 62 19.00 12.29 10.66
N ARG A 63 19.20 11.12 11.28
CA ARG A 63 18.12 10.16 11.44
C ARG A 63 16.87 10.83 12.01
N ASP A 64 17.04 11.67 13.04
CA ASP A 64 15.93 12.17 13.84
C ASP A 64 15.51 13.59 13.47
N HIS A 65 15.92 14.07 12.29
CA HIS A 65 15.66 15.46 11.90
C HIS A 65 14.17 15.79 11.90
N TYR A 66 13.85 17.05 12.20
CA TYR A 66 12.48 17.53 12.26
C TYR A 66 12.28 18.65 11.24
N GLY A 67 11.38 18.43 10.30
CA GLY A 67 11.05 19.47 9.35
C GLY A 67 11.36 19.18 7.90
N TRP A 68 12.11 20.09 7.29
CA TRP A 68 12.24 20.18 5.85
C TRP A 68 13.63 19.74 5.39
N VAL A 69 13.69 19.15 4.19
CA VAL A 69 14.93 18.85 3.52
C VAL A 69 14.83 19.35 2.08
N PHE A 70 15.98 19.66 1.48
CA PHE A 70 16.02 20.21 0.14
C PHE A 70 16.81 19.28 -0.79
N TYR A 71 16.15 18.75 -1.81
CA TYR A 71 16.79 18.08 -2.93
C TYR A 71 16.89 19.04 -4.12
N GLN A 72 18.06 19.06 -4.77
CA GLN A 72 18.30 19.86 -5.97
C GLN A 72 18.83 18.96 -7.09
N ARG A 73 18.84 19.49 -8.31
CA ARG A 73 19.40 18.75 -9.44
C ARG A 73 19.23 19.48 -10.76
N ASN A 74 20.11 19.24 -11.73
CA ASN A 74 19.97 19.85 -13.06
C ASN A 74 19.20 18.90 -13.96
N ILE A 75 18.21 19.44 -14.66
CA ILE A 75 17.54 18.69 -15.73
C ILE A 75 17.58 19.53 -17.00
N SER A 76 17.56 18.83 -18.15
CA SER A 76 17.75 19.46 -19.46
C SER A 76 17.09 18.59 -20.52
N VAL A 77 16.25 19.20 -21.35
CA VAL A 77 15.63 18.49 -22.48
C VAL A 77 16.05 19.14 -23.80
N PRO A 78 16.28 18.34 -24.85
CA PRO A 78 16.57 18.93 -26.17
C PRO A 78 15.32 19.51 -26.80
N GLU A 79 15.47 20.69 -27.42
CA GLU A 79 14.33 21.41 -27.98
C GLU A 79 13.53 20.56 -28.97
N TYR A 80 14.17 19.56 -29.59
CA TYR A 80 13.47 18.69 -30.52
C TYR A 80 12.39 17.84 -29.87
N VAL A 81 12.32 17.84 -28.53
CA VAL A 81 11.28 17.09 -27.81
C VAL A 81 10.17 17.98 -27.31
N LYS A 82 10.32 19.31 -27.35
CA LYS A 82 9.27 20.21 -26.88
C LYS A 82 7.99 20.12 -27.71
N SER A 83 8.01 19.35 -28.79
CA SER A 83 6.81 19.12 -29.58
C SER A 83 5.75 18.40 -28.77
N GLN A 84 6.15 17.50 -27.86
CA GLN A 84 5.24 16.75 -27.01
C GLN A 84 5.04 17.48 -25.68
N ARG A 85 4.08 17.03 -24.88
CA ARG A 85 3.91 17.62 -23.56
C ARG A 85 4.81 16.90 -22.55
N ILE A 86 5.45 17.69 -21.69
CA ILE A 86 6.55 17.25 -20.83
C ILE A 86 6.07 17.26 -19.38
N VAL A 87 5.91 16.08 -18.78
CA VAL A 87 5.34 15.96 -17.45
C VAL A 87 6.35 15.33 -16.49
N LEU A 88 6.40 15.89 -15.27
CA LEU A 88 7.23 15.40 -14.17
C LEU A 88 6.35 14.58 -13.23
N ARG A 89 6.54 13.26 -13.20
CA ARG A 89 5.78 12.39 -12.33
C ARG A 89 6.58 12.03 -11.08
N CYS A 90 6.01 12.26 -9.91
CA CYS A 90 6.61 11.87 -8.64
C CYS A 90 5.89 10.61 -8.14
N ALA A 91 6.57 9.45 -8.26
CA ALA A 91 5.96 8.21 -7.81
C ALA A 91 5.47 8.32 -6.38
N ALA A 92 6.15 9.14 -5.57
CA ALA A 92 5.76 9.33 -4.18
C ALA A 92 6.82 10.13 -3.44
N VAL A 93 6.39 11.19 -2.75
CA VAL A 93 7.24 11.99 -1.89
C VAL A 93 6.64 11.92 -0.50
N THR A 94 7.49 11.83 0.52
CA THR A 94 7.04 11.54 1.88
C THR A 94 7.60 12.62 2.80
N HIS A 95 6.74 13.49 3.32
CA HIS A 95 5.27 13.39 3.26
C HIS A 95 4.66 14.46 2.34
N TYR A 96 5.12 15.71 2.52
CA TYR A 96 4.67 16.86 1.75
C TYR A 96 5.76 17.34 0.80
N ALA A 97 5.43 17.48 -0.48
CA ALA A 97 6.40 17.91 -1.48
C ALA A 97 6.08 19.30 -2.01
N MET A 98 7.13 20.06 -2.25
CA MET A 98 7.02 21.37 -2.89
C MET A 98 8.08 21.41 -3.98
N ILE A 99 7.65 21.47 -5.24
CA ILE A 99 8.51 21.36 -6.39
C ILE A 99 8.70 22.73 -7.03
N TYR A 100 9.93 23.23 -7.01
CA TYR A 100 10.32 24.45 -7.71
C TYR A 100 11.00 24.10 -9.05
N LEU A 101 11.10 25.11 -9.91
CA LEU A 101 11.84 25.02 -11.16
C LEU A 101 12.36 26.41 -11.51
N ASN A 102 13.67 26.62 -11.37
CA ASN A 102 14.30 27.93 -11.57
C ASN A 102 13.98 28.89 -10.44
N GLY A 103 13.08 28.50 -9.55
CA GLY A 103 12.83 29.29 -8.36
C GLY A 103 11.35 29.58 -8.21
N LYS A 104 10.56 28.99 -9.08
CA LYS A 104 9.12 29.28 -9.17
C LYS A 104 8.33 28.05 -8.74
N LEU A 105 7.69 28.12 -7.58
CA LEU A 105 6.88 27.01 -7.11
C LEU A 105 5.91 26.58 -8.21
N ILE A 106 6.06 25.36 -8.73
CA ILE A 106 5.22 24.84 -9.80
C ILE A 106 4.34 23.68 -9.34
N CYS A 107 4.47 23.21 -8.10
CA CYS A 107 3.60 22.13 -7.63
C CYS A 107 3.63 22.03 -6.10
N GLU A 108 2.68 21.27 -5.58
CA GLU A 108 2.53 20.98 -4.16
C GLU A 108 1.69 19.71 -4.03
N HIS A 109 2.06 18.85 -3.09
CA HIS A 109 1.30 17.63 -2.86
C HIS A 109 1.36 17.27 -1.38
N LYS A 110 0.19 17.11 -0.77
CA LYS A 110 0.07 16.50 0.53
C LYS A 110 -0.33 15.05 0.33
N GLY A 111 0.32 14.13 1.05
CA GLY A 111 0.17 12.71 0.76
C GLY A 111 1.49 12.04 0.42
N GLY A 112 1.96 11.18 1.32
CA GLY A 112 3.31 10.66 1.24
C GLY A 112 3.50 9.33 0.54
N PHE A 113 2.45 8.74 -0.04
CA PHE A 113 2.61 7.41 -0.61
C PHE A 113 1.81 7.23 -1.88
N LEU A 114 1.50 8.31 -2.59
CA LEU A 114 0.73 8.21 -3.80
C LEU A 114 1.32 9.15 -4.83
N PRO A 115 1.19 8.81 -6.11
CA PRO A 115 1.85 9.59 -7.15
C PRO A 115 1.10 10.88 -7.43
N PHE A 116 1.83 11.83 -8.02
CA PHE A 116 1.29 13.13 -8.40
C PHE A 116 2.22 13.76 -9.44
N GLU A 117 1.65 14.44 -10.43
CA GLU A 117 2.46 14.97 -11.53
C GLU A 117 2.17 16.45 -11.75
N VAL A 118 2.91 17.03 -12.69
CA VAL A 118 2.90 18.45 -13.00
C VAL A 118 3.45 18.63 -14.40
N GLU A 119 2.82 19.51 -15.18
CA GLU A 119 3.29 19.80 -16.54
C GLU A 119 4.46 20.78 -16.50
N LEU A 120 5.45 20.57 -17.38
CA LEU A 120 6.66 21.37 -17.37
C LEU A 120 6.79 22.33 -18.54
N ASN A 121 6.09 22.10 -19.66
CA ASN A 121 6.24 22.93 -20.85
C ASN A 121 6.38 24.41 -20.50
N ASP A 122 5.45 24.94 -19.70
CA ASP A 122 5.41 26.39 -19.45
C ASP A 122 6.66 26.88 -18.73
N ASP A 123 7.25 26.07 -17.85
CA ASP A 123 8.34 26.53 -16.99
C ASP A 123 9.71 26.02 -17.44
N LEU A 124 9.76 25.16 -18.45
CA LEU A 124 11.04 24.69 -19.00
C LEU A 124 11.76 25.83 -19.70
N GLN A 125 13.08 25.91 -19.51
CA GLN A 125 13.89 27.02 -19.99
C GLN A 125 15.14 26.47 -20.67
N ASP A 126 15.06 26.24 -21.98
CA ASP A 126 16.19 25.83 -22.82
C ASP A 126 17.56 26.01 -22.17
N GLY A 127 18.27 24.89 -21.99
CA GLY A 127 19.50 24.86 -21.24
C GLY A 127 19.41 23.94 -20.03
N ASP A 128 20.34 24.04 -19.09
CA ASP A 128 20.22 23.33 -17.83
C ASP A 128 19.29 24.11 -16.89
N ASN A 129 18.40 23.37 -16.23
CA ASN A 129 17.40 23.91 -15.31
C ASN A 129 17.71 23.50 -13.88
N LEU A 130 17.30 24.33 -12.91
CA LEU A 130 17.54 24.05 -11.49
C LEU A 130 16.26 23.47 -10.89
N LEU A 131 16.21 22.14 -10.78
CA LEU A 131 15.09 21.43 -10.16
C LEU A 131 15.33 21.25 -8.67
N THR A 132 14.47 21.85 -7.85
CA THR A 132 14.53 21.75 -6.40
C THR A 132 13.22 21.17 -5.89
N ILE A 133 13.27 19.97 -5.30
CA ILE A 133 12.13 19.40 -4.58
C ILE A 133 12.42 19.52 -3.09
N ALA A 134 11.51 20.16 -2.37
CA ALA A 134 11.64 20.25 -0.92
C ALA A 134 10.68 19.24 -0.32
N VAL A 135 11.08 18.64 0.80
CA VAL A 135 10.31 17.55 1.41
C VAL A 135 10.17 17.84 2.89
N ASN A 136 9.02 17.48 3.44
CA ASN A 136 8.65 17.81 4.80
C ASN A 136 8.20 16.52 5.48
N ASN A 137 8.61 16.33 6.74
CA ASN A 137 8.33 15.08 7.42
C ASN A 137 7.37 15.26 8.58
N VAL A 138 6.84 16.47 8.79
CA VAL A 138 5.99 16.71 9.95
C VAL A 138 4.69 15.95 9.82
N ILE A 139 4.28 15.29 10.89
CA ILE A 139 3.00 14.60 11.00
C ILE A 139 2.34 15.15 12.25
N ASP A 140 1.00 15.22 12.21
CA ASP A 140 0.19 15.78 13.29
C ASP A 140 -1.22 15.21 13.15
N TYR A 141 -2.21 15.89 13.74
CA TYR A 141 -3.59 15.43 13.62
C TYR A 141 -4.20 15.68 12.24
N THR A 142 -3.50 16.34 11.32
CA THR A 142 -4.03 16.61 9.99
C THR A 142 -3.36 15.80 8.89
N THR A 143 -2.51 14.84 9.24
CA THR A 143 -1.81 14.04 8.25
C THR A 143 -2.26 12.60 8.34
N LEU A 144 -2.05 11.87 7.26
CA LEU A 144 -2.32 10.43 7.21
C LEU A 144 -1.05 9.78 6.69
N PRO A 145 -0.27 9.10 7.54
CA PRO A 145 -0.56 8.68 8.91
C PRO A 145 -0.60 9.82 9.92
N VAL A 146 -1.07 9.50 11.12
CA VAL A 146 -1.31 10.50 12.14
C VAL A 146 -0.08 10.64 13.01
N GLY A 147 0.35 11.89 13.23
CA GLY A 147 1.34 12.20 14.26
C GLY A 147 0.71 12.67 15.56
N GLY A 148 1.18 12.09 16.67
CA GLY A 148 0.73 12.41 18.02
C GLY A 148 1.13 13.75 18.62
N LYS A 149 1.15 13.84 19.96
CA LYS A 149 1.28 15.10 20.68
C LYS A 149 2.51 15.13 21.58
N ALA A 150 2.69 14.14 22.45
CA ALA A 150 3.91 14.02 23.24
C ALA A 150 4.03 12.62 23.84
N PRO A 168 11.47 19.77 19.96
CA PRO A 168 10.81 19.85 18.63
C PRO A 168 10.99 18.55 17.85
N GLN A 169 10.03 17.64 17.93
CA GLN A 169 10.17 16.31 17.35
C GLN A 169 8.80 15.74 16.99
N ASN A 170 8.76 14.93 15.92
CA ASN A 170 7.56 14.17 15.61
C ASN A 170 7.29 13.09 16.66
N ASN A 171 6.05 12.59 16.65
CA ASN A 171 5.61 11.59 17.62
C ASN A 171 4.65 10.66 16.91
N PRO A 172 5.16 9.78 16.08
CA PRO A 172 4.28 8.93 15.27
C PRO A 172 3.25 8.22 16.11
N ASN A 173 1.97 8.41 15.80
CA ASN A 173 0.92 7.60 16.42
C ASN A 173 0.76 6.24 15.70
N PHE A 174 1.87 5.69 15.26
CA PHE A 174 1.91 4.42 14.56
C PHE A 174 3.24 3.74 14.87
N ASP A 175 3.29 2.42 14.72
CA ASP A 175 4.44 1.63 15.18
C ASP A 175 5.41 1.35 14.06
N PHE A 176 5.85 2.37 13.33
CA PHE A 176 6.93 2.20 12.37
C PHE A 176 7.62 3.54 12.16
N PHE A 177 8.82 3.48 11.58
CA PHE A 177 9.67 4.66 11.63
C PHE A 177 9.26 5.66 10.55
N ASN A 178 9.42 6.94 10.88
CA ASN A 178 8.98 8.04 10.01
C ASN A 178 9.95 8.30 8.85
N TYR A 179 10.16 7.26 8.03
CA TYR A 179 11.08 7.38 6.89
C TYR A 179 10.58 8.41 5.88
N CYS A 180 11.41 9.40 5.54
CA CYS A 180 10.96 10.48 4.67
C CYS A 180 12.01 10.79 3.59
N GLY A 181 11.68 11.76 2.72
CA GLY A 181 12.45 12.01 1.52
C GLY A 181 11.72 11.46 0.30
N ILE A 182 12.45 11.37 -0.82
CA ILE A 182 11.83 11.00 -2.09
C ILE A 182 11.75 9.48 -2.19
N THR A 183 10.65 8.94 -1.68
CA THR A 183 10.54 7.51 -1.46
C THR A 183 10.53 6.71 -2.75
N ARG A 184 9.81 7.17 -3.76
CA ARG A 184 9.75 6.38 -4.98
C ARG A 184 10.28 7.22 -6.14
N PRO A 185 10.49 6.64 -7.31
CA PRO A 185 11.31 7.32 -8.31
C PRO A 185 10.63 8.57 -8.86
N VAL A 186 11.46 9.51 -9.29
CA VAL A 186 11.03 10.73 -9.97
C VAL A 186 11.44 10.57 -11.43
N LYS A 187 10.48 10.50 -12.33
CA LYS A 187 10.77 10.34 -13.76
C LYS A 187 10.12 11.46 -14.56
N ILE A 188 10.48 11.51 -15.85
CA ILE A 188 9.89 12.42 -16.83
C ILE A 188 9.38 11.61 -18.00
N TYR A 189 8.14 11.85 -18.43
CA TYR A 189 7.61 11.20 -19.61
C TYR A 189 6.86 12.23 -20.46
N THR A 190 6.47 11.80 -21.67
CA THR A 190 5.87 12.71 -22.64
C THR A 190 4.68 12.04 -23.31
N THR A 191 3.88 12.85 -24.00
CA THR A 191 2.72 12.39 -24.75
C THR A 191 2.41 13.41 -25.83
N PRO A 192 1.74 12.98 -26.91
CA PRO A 192 1.20 13.95 -27.88
C PRO A 192 0.11 14.80 -27.23
N GLU A 193 0.08 16.08 -27.60
CA GLU A 193 -0.69 17.05 -26.82
C GLU A 193 -2.16 16.65 -26.67
N THR A 194 -2.66 15.70 -27.45
CA THR A 194 -3.93 15.02 -27.15
C THR A 194 -3.59 13.57 -26.84
N TYR A 195 -3.82 13.15 -25.59
CA TYR A 195 -3.21 11.95 -25.02
C TYR A 195 -4.25 11.02 -24.42
N ILE A 196 -3.83 9.77 -24.16
CA ILE A 196 -4.56 8.91 -23.25
C ILE A 196 -4.27 9.37 -21.83
N ASN A 197 -5.30 9.43 -20.99
CA ASN A 197 -5.11 9.93 -19.63
C ASN A 197 -5.49 8.91 -18.58
N ASP A 198 -6.66 8.31 -18.70
CA ASP A 198 -7.02 7.17 -17.87
C ASP A 198 -7.32 5.99 -18.78
N ILE A 199 -7.47 4.83 -18.17
CA ILE A 199 -8.01 3.64 -18.82
C ILE A 199 -8.67 2.79 -17.75
N THR A 200 -9.87 2.30 -18.04
CA THR A 200 -10.61 1.50 -17.09
C THR A 200 -11.05 0.22 -17.78
N VAL A 201 -11.02 -0.89 -17.06
CA VAL A 201 -11.36 -2.19 -17.64
C VAL A 201 -11.99 -3.07 -16.58
N THR A 202 -13.17 -3.60 -16.86
CA THR A 202 -13.88 -4.46 -15.93
C THR A 202 -14.16 -5.80 -16.62
N ALA A 203 -14.66 -6.76 -15.86
CA ALA A 203 -14.94 -8.05 -16.47
C ALA A 203 -16.15 -8.71 -15.83
N ASP A 204 -17.09 -9.13 -16.68
CA ASP A 204 -18.14 -10.05 -16.31
C ASP A 204 -17.75 -11.42 -16.84
N ILE A 205 -17.66 -12.41 -15.96
CA ILE A 205 -17.21 -13.76 -16.33
C ILE A 205 -18.41 -14.70 -16.26
N ASP A 206 -18.60 -15.47 -17.33
CA ASP A 206 -19.70 -16.42 -17.44
C ASP A 206 -19.17 -17.77 -16.96
N PHE A 207 -19.55 -18.16 -15.75
CA PHE A 207 -19.05 -19.39 -15.14
C PHE A 207 -19.98 -20.59 -15.36
N THR A 208 -21.08 -20.40 -16.09
CA THR A 208 -22.04 -21.50 -16.29
C THR A 208 -21.50 -22.52 -17.29
N LYS A 209 -20.78 -22.05 -18.31
CA LYS A 209 -20.25 -22.90 -19.36
C LYS A 209 -19.28 -23.95 -18.78
N GLU A 210 -19.09 -25.03 -19.55
CA GLU A 210 -18.03 -25.98 -19.23
C GLU A 210 -16.65 -25.34 -19.43
N GLU A 211 -16.47 -24.62 -20.54
CA GLU A 211 -15.26 -23.84 -20.81
C GLU A 211 -15.56 -22.36 -20.58
N PRO A 212 -15.50 -21.90 -19.30
CA PRO A 212 -15.81 -20.49 -18.99
C PRO A 212 -15.23 -19.46 -19.94
N SER A 213 -16.06 -18.48 -20.29
CA SER A 213 -15.71 -17.37 -21.16
C SER A 213 -16.14 -16.08 -20.50
N ALA A 214 -15.72 -14.94 -21.07
CA ALA A 214 -16.00 -13.68 -20.40
C ALA A 214 -15.93 -12.52 -21.39
N VAL A 215 -16.48 -11.39 -20.96
CA VAL A 215 -16.59 -10.18 -21.77
C VAL A 215 -16.01 -9.02 -20.97
N LEU A 216 -15.08 -8.28 -21.58
CA LEU A 216 -14.40 -7.18 -20.91
C LEU A 216 -15.01 -5.86 -21.37
N ASN A 217 -15.40 -5.03 -20.40
CA ASN A 217 -15.86 -3.67 -20.68
C ASN A 217 -14.67 -2.73 -20.49
N TYR A 218 -14.36 -1.96 -21.53
CA TYR A 218 -13.30 -0.96 -21.45
C TYR A 218 -13.90 0.44 -21.53
N ASN A 219 -13.03 1.44 -21.44
CA ASN A 219 -13.48 2.83 -21.42
C ASN A 219 -12.25 3.73 -21.31
N VAL A 220 -11.91 4.42 -22.38
CA VAL A 220 -10.72 5.25 -22.43
C VAL A 220 -11.12 6.71 -22.30
N GLU A 221 -10.28 7.48 -21.61
CA GLU A 221 -10.49 8.91 -21.40
C GLU A 221 -9.28 9.64 -21.96
N ILE A 222 -9.52 10.86 -22.47
CA ILE A 222 -8.56 11.54 -23.34
C ILE A 222 -8.60 13.04 -23.09
N LYS A 223 -7.65 13.77 -23.67
CA LYS A 223 -7.50 15.20 -23.44
C LYS A 223 -6.36 15.81 -24.28
N TYR A 227 -7.67 18.78 -28.91
CA TYR A 227 -8.16 18.05 -30.08
C TYR A 227 -8.62 16.64 -29.73
N ASN A 228 -9.41 16.52 -28.65
CA ASN A 228 -9.79 15.22 -28.11
C ASN A 228 -10.51 14.31 -29.12
N ASN A 229 -10.99 14.85 -30.24
CA ASN A 229 -11.66 14.03 -31.24
C ASN A 229 -10.61 13.37 -32.14
N ILE A 230 -10.60 12.03 -32.16
CA ILE A 230 -9.64 11.25 -32.94
C ILE A 230 -10.05 9.78 -32.89
N THR A 231 -9.36 8.94 -33.67
CA THR A 231 -9.71 7.52 -33.68
C THR A 231 -9.29 6.83 -32.39
N CYS A 232 -10.00 5.76 -32.04
CA CYS A 232 -9.77 5.02 -30.81
C CYS A 232 -9.62 3.54 -31.13
N LYS A 233 -8.38 3.09 -31.28
CA LYS A 233 -8.07 1.68 -31.48
C LYS A 233 -7.71 1.04 -30.14
N VAL A 234 -8.27 -0.15 -29.90
CA VAL A 234 -7.95 -0.93 -28.72
C VAL A 234 -7.82 -2.40 -29.09
N GLU A 235 -6.60 -2.90 -29.17
CA GLU A 235 -6.32 -4.27 -29.53
C GLU A 235 -6.03 -5.10 -28.27
N LEU A 236 -6.32 -6.40 -28.35
CA LEU A 236 -6.14 -7.32 -27.22
C LEU A 236 -5.20 -8.45 -27.60
N PHE A 237 -4.14 -8.62 -26.84
CA PHE A 237 -3.20 -9.74 -27.02
C PHE A 237 -3.20 -10.63 -25.78
N ASP A 238 -2.67 -11.85 -25.92
CA ASP A 238 -2.41 -12.73 -24.79
C ASP A 238 -0.95 -12.57 -24.36
N GLU A 239 -0.55 -13.34 -23.33
CA GLU A 239 0.79 -13.13 -22.79
C GLU A 239 1.88 -13.51 -23.78
N GLU A 240 1.65 -14.52 -24.62
CA GLU A 240 2.62 -14.89 -25.64
C GLU A 240 2.84 -13.75 -26.64
N GLY A 241 1.82 -12.94 -26.91
CA GLY A 241 1.93 -11.82 -27.85
C GLY A 241 0.95 -11.87 -29.00
N THR A 242 0.36 -13.04 -29.28
CA THR A 242 -0.72 -13.17 -30.26
C THR A 242 -1.79 -12.09 -30.07
N LYS A 243 -2.28 -11.54 -31.19
CA LYS A 243 -3.48 -10.68 -31.15
C LYS A 243 -4.72 -11.55 -31.25
N LEU A 244 -5.78 -11.15 -30.53
CA LEU A 244 -6.99 -11.95 -30.43
C LEU A 244 -8.27 -11.24 -30.84
N SER A 245 -8.28 -9.91 -30.88
CA SER A 245 -9.50 -9.17 -31.12
C SER A 245 -9.13 -7.73 -31.44
N GLU A 246 -10.13 -6.97 -31.87
CA GLU A 246 -10.01 -5.53 -32.06
C GLU A 246 -11.37 -4.90 -31.88
N THR A 247 -11.36 -3.60 -31.56
CA THR A 247 -12.56 -2.83 -31.31
C THR A 247 -12.20 -1.36 -31.48
N GLU A 248 -13.21 -0.55 -31.79
CA GLU A 248 -13.02 0.88 -31.94
C GLU A 248 -13.99 1.62 -31.01
N GLY A 249 -13.59 2.82 -30.60
CA GLY A 249 -14.44 3.64 -29.75
C GLY A 249 -13.84 3.96 -28.40
N SER A 250 -14.23 5.10 -27.82
CA SER A 250 -13.80 5.41 -26.46
C SER A 250 -14.24 4.34 -25.48
N GLU A 251 -15.42 3.76 -25.70
CA GLU A 251 -15.85 2.59 -24.96
C GLU A 251 -16.13 1.46 -25.94
N GLY A 252 -16.03 0.23 -25.44
CA GLY A 252 -16.15 -0.93 -26.31
C GLY A 252 -16.24 -2.24 -25.56
N THR A 253 -15.78 -3.34 -26.19
CA THR A 253 -15.98 -4.66 -25.60
C THR A 253 -15.12 -5.67 -26.36
N PHE A 254 -14.77 -6.75 -25.65
CA PHE A 254 -14.18 -7.94 -26.24
C PHE A 254 -14.98 -9.14 -25.76
N GLU A 255 -14.90 -10.24 -26.51
CA GLU A 255 -15.57 -11.48 -26.12
C GLU A 255 -14.51 -12.59 -26.13
N ILE A 256 -13.56 -12.50 -25.20
CA ILE A 256 -12.58 -13.56 -25.01
C ILE A 256 -13.32 -14.84 -24.64
N SER A 257 -13.22 -15.85 -25.51
CA SER A 257 -13.88 -17.13 -25.31
C SER A 257 -12.88 -18.17 -24.83
N ASN A 258 -13.36 -19.09 -24.00
CA ASN A 258 -12.49 -20.07 -23.33
C ASN A 258 -11.37 -19.36 -22.57
N VAL A 259 -11.72 -18.22 -21.95
CA VAL A 259 -10.72 -17.28 -21.43
C VAL A 259 -9.81 -17.94 -20.40
N ARG A 260 -8.60 -17.39 -20.28
CA ARG A 260 -7.61 -17.87 -19.30
C ARG A 260 -7.73 -17.03 -18.03
N LEU A 261 -8.36 -17.61 -17.00
CA LEU A 261 -8.63 -16.85 -15.79
C LEU A 261 -7.35 -16.65 -14.98
N TRP A 262 -7.08 -15.39 -14.64
CA TRP A 262 -6.07 -15.05 -13.64
C TRP A 262 -6.41 -15.71 -12.30
N GLN A 263 -5.45 -16.45 -11.75
CA GLN A 263 -5.72 -17.18 -10.51
C GLN A 263 -4.58 -17.01 -9.51
N PRO A 264 -4.87 -17.12 -8.22
CA PRO A 264 -3.82 -16.92 -7.20
C PRO A 264 -2.77 -18.02 -7.26
N LEU A 265 -1.50 -17.61 -7.32
CA LEU A 265 -0.40 -18.54 -7.55
C LEU A 265 -0.42 -19.15 -8.95
N ASN A 266 -1.20 -18.55 -9.86
CA ASN A 266 -1.29 -19.02 -11.24
C ASN A 266 -1.78 -17.89 -12.16
N ALA A 267 -0.97 -16.86 -12.32
CA ALA A 267 -1.39 -15.66 -13.04
C ALA A 267 -1.44 -15.89 -14.55
N TYR A 268 -2.35 -15.16 -15.20
CA TYR A 268 -2.35 -14.98 -16.65
C TYR A 268 -2.62 -13.51 -16.95
N LEU A 269 -1.85 -12.92 -17.84
CA LEU A 269 -2.01 -11.52 -18.17
C LEU A 269 -2.20 -11.33 -19.67
N TYR A 270 -3.43 -11.04 -20.07
CA TYR A 270 -3.66 -10.46 -21.39
C TYR A 270 -3.03 -9.08 -21.46
N LYS A 271 -2.69 -8.64 -22.66
CA LYS A 271 -2.20 -7.30 -22.90
C LYS A 271 -3.26 -6.52 -23.67
N ILE A 272 -3.29 -5.20 -23.49
CA ILE A 272 -4.32 -4.36 -24.09
C ILE A 272 -3.65 -3.13 -24.68
N LYS A 273 -3.40 -3.16 -25.99
CA LYS A 273 -2.74 -2.06 -26.70
C LYS A 273 -3.81 -1.10 -27.21
N VAL A 274 -3.81 0.12 -26.67
CA VAL A 274 -4.88 1.09 -26.91
C VAL A 274 -4.28 2.23 -27.71
N THR A 275 -4.46 2.17 -29.03
CA THR A 275 -4.02 3.22 -29.94
C THR A 275 -5.11 4.29 -30.06
N ALA A 276 -4.70 5.55 -29.98
CA ALA A 276 -5.67 6.67 -30.03
C ALA A 276 -4.94 7.93 -30.48
N GLY A 277 -5.24 8.39 -31.70
CA GLY A 277 -4.46 9.49 -32.23
C GLY A 277 -3.03 9.08 -32.43
N GLN A 278 -2.11 9.98 -32.09
CA GLN A 278 -0.68 9.64 -32.12
C GLN A 278 -0.19 9.12 -30.77
N ASP A 279 -0.98 8.28 -30.08
CA ASP A 279 -0.64 7.78 -28.75
C ASP A 279 -0.99 6.29 -28.64
N VAL A 280 -0.04 5.51 -28.12
CA VAL A 280 -0.27 4.10 -27.79
C VAL A 280 0.08 3.90 -26.31
N TYR A 281 -0.67 3.00 -25.67
CA TYR A 281 -0.38 2.56 -24.31
C TYR A 281 -0.94 1.16 -24.12
N THR A 282 -0.13 0.30 -23.52
CA THR A 282 -0.53 -1.07 -23.22
C THR A 282 -0.74 -1.23 -21.73
N LEU A 283 -1.57 -2.16 -21.38
CA LEU A 283 -1.87 -2.35 -19.96
C LEU A 283 -2.07 -3.84 -19.72
N PRO A 284 -1.23 -4.49 -18.93
CA PRO A 284 -1.52 -5.87 -18.59
C PRO A 284 -2.81 -5.91 -17.81
N TYR A 285 -3.58 -6.98 -17.99
CA TYR A 285 -4.84 -7.11 -17.30
C TYR A 285 -5.11 -8.60 -17.10
N GLY A 286 -5.59 -8.95 -15.92
CA GLY A 286 -5.95 -10.32 -15.59
C GLY A 286 -7.44 -10.41 -15.37
N VAL A 287 -8.04 -11.49 -15.87
CA VAL A 287 -9.46 -11.71 -15.77
C VAL A 287 -9.72 -12.53 -14.52
N ARG A 288 -10.46 -11.96 -13.56
CA ARG A 288 -10.89 -12.71 -12.38
C ARG A 288 -12.06 -11.99 -11.74
N SER A 289 -12.76 -12.71 -10.87
CA SER A 289 -13.96 -12.22 -10.21
C SER A 289 -13.79 -12.27 -8.70
N VAL A 290 -14.24 -11.21 -8.03
CA VAL A 290 -14.20 -11.13 -6.57
C VAL A 290 -15.62 -10.91 -6.07
N ARG A 291 -16.04 -11.76 -5.12
CA ARG A 291 -17.40 -11.70 -4.60
C ARG A 291 -17.42 -12.34 -3.22
N VAL A 292 -17.96 -11.62 -2.23
CA VAL A 292 -18.30 -12.24 -0.95
C VAL A 292 -19.65 -12.93 -1.05
N ASP A 293 -19.85 -13.93 -0.19
CA ASP A 293 -21.13 -14.63 -0.14
C ASP A 293 -21.21 -15.45 1.13
N GLY A 294 -21.98 -14.98 2.10
CA GLY A 294 -22.08 -15.70 3.37
C GLY A 294 -20.81 -15.56 4.17
N THR A 295 -20.30 -16.68 4.68
CA THR A 295 -19.01 -16.75 5.33
C THR A 295 -17.87 -17.18 4.39
N LYS A 296 -17.94 -16.81 3.11
CA LYS A 296 -17.07 -17.37 2.08
C LYS A 296 -16.57 -16.26 1.18
N PHE A 297 -15.25 -16.06 1.16
CA PHE A 297 -14.61 -15.06 0.30
C PHE A 297 -14.26 -15.78 -0.99
N LEU A 298 -14.91 -15.38 -2.09
CA LEU A 298 -14.89 -16.11 -3.34
C LEU A 298 -14.03 -15.35 -4.33
N ILE A 299 -13.03 -16.04 -4.87
CA ILE A 299 -12.29 -15.55 -6.02
C ILE A 299 -12.54 -16.54 -7.14
N ASN A 300 -13.03 -16.03 -8.27
CA ASN A 300 -13.50 -16.87 -9.38
C ASN A 300 -14.46 -17.93 -8.86
N GLU A 301 -15.40 -17.48 -8.04
CA GLU A 301 -16.52 -18.30 -7.57
C GLU A 301 -16.04 -19.61 -6.91
N LYS A 302 -14.87 -19.56 -6.28
CA LYS A 302 -14.36 -20.60 -5.41
C LYS A 302 -13.99 -20.02 -4.05
N PRO A 303 -14.04 -20.84 -2.99
CA PRO A 303 -13.83 -20.33 -1.63
C PRO A 303 -12.36 -20.24 -1.17
N PHE A 304 -11.81 -19.02 -1.24
CA PHE A 304 -10.42 -18.73 -0.94
C PHE A 304 -10.09 -18.89 0.56
N TYR A 305 -8.80 -19.09 0.83
CA TYR A 305 -8.23 -18.94 2.18
C TYR A 305 -6.95 -18.12 2.11
N PHE A 306 -6.90 -17.02 2.83
CA PHE A 306 -5.73 -16.16 2.79
C PHE A 306 -4.59 -16.80 3.58
N LYS A 307 -3.45 -16.99 2.91
CA LYS A 307 -2.22 -17.47 3.52
C LYS A 307 -1.13 -16.44 3.26
N GLY A 308 -0.61 -15.83 4.33
CA GLY A 308 0.33 -14.75 4.09
C GLY A 308 0.64 -13.87 5.28
N TYR A 309 0.84 -12.60 4.99
CA TYR A 309 1.32 -11.74 6.09
C TYR A 309 1.03 -10.28 5.87
N GLY A 310 1.21 -9.50 6.91
CA GLY A 310 1.14 -8.05 6.74
C GLY A 310 2.57 -7.63 6.49
N LYS A 311 2.79 -6.71 5.56
CA LYS A 311 4.15 -6.39 5.19
C LYS A 311 4.45 -4.91 5.46
N HIS A 312 5.71 -4.56 5.35
CA HIS A 312 6.12 -3.17 5.29
C HIS A 312 7.00 -3.01 4.07
N GLU A 313 6.98 -1.81 3.49
CA GLU A 313 8.02 -1.39 2.57
C GLU A 313 9.14 -0.92 3.49
N ASP A 314 9.97 -1.88 3.93
CA ASP A 314 11.04 -1.59 4.86
C ASP A 314 12.26 -2.46 4.53
N THR A 315 13.40 -1.82 4.30
CA THR A 315 14.66 -2.53 4.07
C THR A 315 15.80 -1.61 4.45
N PHE A 316 16.96 -2.21 4.70
CA PHE A 316 18.19 -1.50 4.99
C PHE A 316 19.04 -1.32 3.73
N PRO A 317 19.59 -0.11 3.48
CA PRO A 317 19.31 1.09 4.28
C PRO A 317 18.34 2.00 3.55
N ASN A 318 17.70 1.50 2.50
CA ASN A 318 16.74 2.29 1.74
C ASN A 318 15.63 2.89 2.59
N GLY A 319 15.40 2.38 3.80
CA GLY A 319 14.26 2.79 4.60
C GLY A 319 12.98 2.39 3.96
N ARG A 320 12.12 3.35 3.63
CA ARG A 320 10.88 3.07 2.92
C ARG A 320 11.08 3.14 1.41
N GLY A 321 12.27 3.50 0.96
CA GLY A 321 12.49 3.68 -0.47
C GLY A 321 12.32 2.39 -1.23
N ILE A 322 11.96 2.54 -2.50
CA ILE A 322 11.61 1.39 -3.33
C ILE A 322 12.81 0.46 -3.52
N ASN A 323 12.52 -0.83 -3.61
CA ASN A 323 13.60 -1.82 -3.67
C ASN A 323 13.17 -2.98 -4.58
N LEU A 324 13.33 -2.78 -5.89
CA LEU A 324 12.82 -3.80 -6.81
C LEU A 324 13.52 -5.13 -6.60
N PRO A 325 14.81 -5.18 -6.25
CA PRO A 325 15.42 -6.48 -5.92
C PRO A 325 14.76 -7.15 -4.72
N MET A 326 14.59 -6.44 -3.59
CA MET A 326 13.91 -7.06 -2.45
C MET A 326 12.48 -7.45 -2.79
N ASN A 327 11.80 -6.71 -3.69
CA ASN A 327 10.43 -7.10 -4.02
C ASN A 327 10.41 -8.47 -4.65
N THR A 328 11.31 -8.73 -5.58
CA THR A 328 11.32 -10.06 -6.18
C THR A 328 11.76 -11.10 -5.16
N LYS A 329 12.72 -10.75 -4.29
CA LYS A 329 13.18 -11.72 -3.30
C LYS A 329 12.08 -12.03 -2.27
N ASP A 330 11.31 -11.01 -1.87
CA ASP A 330 10.16 -11.26 -1.01
C ASP A 330 9.20 -12.26 -1.67
N ILE A 331 8.89 -12.03 -2.95
CA ILE A 331 7.93 -12.90 -3.64
C ILE A 331 8.47 -14.32 -3.76
N SER A 332 9.78 -14.47 -4.08
CA SER A 332 10.42 -15.79 -4.05
C SER A 332 10.14 -16.49 -2.72
N ILE A 333 10.43 -15.80 -1.60
CA ILE A 333 10.25 -16.37 -0.27
C ILE A 333 8.79 -16.77 -0.04
N MET A 334 7.85 -15.94 -0.48
CA MET A 334 6.45 -16.33 -0.32
C MET A 334 6.16 -17.62 -1.06
N LYS A 335 6.56 -17.72 -2.34
CA LYS A 335 6.30 -18.95 -3.08
C LYS A 335 7.02 -20.13 -2.44
N TRP A 336 8.18 -19.89 -1.84
CA TRP A 336 8.84 -20.92 -1.07
C TRP A 336 8.02 -21.29 0.16
N GLN A 337 7.45 -20.31 0.86
CA GLN A 337 6.71 -20.59 2.09
C GLN A 337 5.30 -21.09 1.82
N HIS A 338 4.83 -21.03 0.57
CA HIS A 338 3.48 -21.47 0.21
C HIS A 338 2.45 -20.47 0.71
N ALA A 339 2.78 -19.19 0.64
CA ALA A 339 1.84 -18.12 0.94
C ALA A 339 1.13 -17.69 -0.35
N ASN A 340 0.12 -16.82 -0.22
CA ASN A 340 -0.58 -16.37 -1.43
C ASN A 340 -1.06 -14.92 -1.33
N SER A 341 -0.97 -14.32 -0.16
CA SER A 341 -1.47 -12.97 -0.01
C SER A 341 -0.59 -12.18 0.96
N PHE A 342 -0.64 -10.87 0.80
CA PHE A 342 -0.25 -10.00 1.89
C PHE A 342 -1.13 -8.76 1.81
N ARG A 343 -0.83 -7.78 2.67
CA ARG A 343 -1.59 -6.55 2.78
C ARG A 343 -0.62 -5.39 2.84
N THR A 344 -0.89 -4.35 2.07
CA THR A 344 0.01 -3.21 2.05
C THR A 344 -0.08 -2.38 3.32
N SER A 345 0.10 -3.00 4.48
CA SER A 345 0.26 -2.25 5.72
C SER A 345 1.45 -1.31 5.61
N HIS A 346 1.27 -0.04 5.97
CA HIS A 346 0.01 0.65 6.31
C HIS A 346 -0.05 1.89 5.43
N TYR A 347 -0.05 1.69 4.11
CA TYR A 347 0.13 2.74 3.11
C TYR A 347 0.21 2.02 1.78
N PRO A 348 -0.08 2.66 0.66
CA PRO A 348 0.00 1.96 -0.62
C PRO A 348 1.46 1.69 -0.98
N TYR A 349 1.73 0.53 -1.58
CA TYR A 349 3.08 0.21 -2.01
C TYR A 349 3.40 0.81 -3.37
N SER A 350 4.61 0.53 -3.86
CA SER A 350 5.02 1.02 -5.18
C SER A 350 4.12 0.43 -6.26
N GLU A 351 3.91 1.22 -7.32
CA GLU A 351 3.28 0.68 -8.52
C GLU A 351 4.02 -0.58 -8.98
N GLU A 352 5.37 -0.53 -8.97
CA GLU A 352 6.15 -1.67 -9.45
C GLU A 352 5.80 -2.93 -8.66
N MET A 353 5.72 -2.83 -7.34
CA MET A 353 5.36 -4.02 -6.56
C MET A 353 3.95 -4.50 -6.94
N MET A 354 3.06 -3.56 -7.25
CA MET A 354 1.69 -3.92 -7.62
C MET A 354 1.68 -4.65 -8.96
N ARG A 355 2.36 -4.07 -9.95
CA ARG A 355 2.52 -4.77 -11.23
C ARG A 355 3.09 -6.17 -11.03
N LEU A 356 4.11 -6.29 -10.17
CA LEU A 356 4.73 -7.59 -9.97
C LEU A 356 3.74 -8.60 -9.44
N CYS A 357 2.87 -8.19 -8.51
CA CYS A 357 1.90 -9.14 -7.99
C CYS A 357 0.96 -9.63 -9.08
N ASP A 358 0.69 -8.78 -10.08
CA ASP A 358 -0.10 -9.18 -11.23
C ASP A 358 0.57 -10.37 -11.94
N GLU A 359 1.85 -10.20 -12.32
CA GLU A 359 2.58 -11.25 -13.03
C GLU A 359 2.80 -12.48 -12.17
N GLU A 360 2.98 -12.29 -10.87
CA GLU A 360 3.39 -13.40 -10.03
C GLU A 360 2.23 -14.16 -9.41
N GLY A 361 1.02 -13.60 -9.43
CA GLY A 361 -0.14 -14.29 -8.91
C GLY A 361 -0.35 -14.20 -7.41
N ILE A 362 -0.10 -13.03 -6.82
CA ILE A 362 -0.17 -12.86 -5.37
C ILE A 362 -1.35 -11.97 -5.03
N VAL A 363 -2.18 -12.42 -4.11
CA VAL A 363 -3.36 -11.66 -3.72
C VAL A 363 -2.95 -10.56 -2.76
N VAL A 364 -3.37 -9.33 -3.06
CA VAL A 364 -3.03 -8.15 -2.27
C VAL A 364 -4.28 -7.54 -1.65
N ILE A 365 -4.11 -6.99 -0.45
CA ILE A 365 -5.15 -6.19 0.21
C ILE A 365 -4.67 -4.77 0.25
N ASP A 366 -4.99 -4.00 -0.80
CA ASP A 366 -4.51 -2.64 -0.94
C ASP A 366 -5.10 -1.77 0.18
N GLU A 367 -4.25 -1.01 0.90
CA GLU A 367 -4.66 -0.31 2.12
C GLU A 367 -4.17 1.14 2.13
N THR A 368 -4.97 2.02 2.71
CA THR A 368 -4.65 3.45 2.71
C THR A 368 -3.62 3.80 3.79
N THR A 369 -3.17 5.06 3.74
CA THR A 369 -2.26 5.64 4.74
C THR A 369 -2.95 5.91 6.07
N ALA A 370 -4.16 5.42 6.28
CA ALA A 370 -4.99 5.84 7.41
C ALA A 370 -4.70 5.02 8.66
N VAL A 371 -3.50 5.19 9.20
CA VAL A 371 -3.14 4.54 10.45
C VAL A 371 -2.91 5.62 11.50
N GLY A 372 -3.19 5.26 12.75
CA GLY A 372 -3.13 6.24 13.82
C GLY A 372 -4.30 7.19 13.95
N VAL A 373 -5.48 6.88 13.40
CA VAL A 373 -6.61 7.73 13.78
C VAL A 373 -7.16 7.35 15.15
N ASN A 374 -6.95 6.14 15.65
CA ASN A 374 -7.17 5.90 17.07
C ASN A 374 -6.40 6.92 17.90
N LEU A 375 -6.98 7.35 19.02
CA LEU A 375 -6.38 8.43 19.81
C LEU A 375 -6.28 8.07 21.29
N GLN A 376 -6.41 6.79 21.64
CA GLN A 376 -6.15 6.31 22.99
C GLN A 376 -4.71 5.83 23.19
N PHE A 377 -3.93 5.68 22.12
CA PHE A 377 -2.53 5.33 22.21
C PHE A 377 -1.74 6.41 22.95
N GLY A 378 -0.52 6.06 23.35
CA GLY A 378 0.38 7.01 24.00
C GLY A 378 -0.16 7.59 25.28
N GLY A 379 -1.02 6.86 25.98
CA GLY A 379 -1.71 7.38 27.14
C GLY A 379 -2.69 8.50 26.80
N GLY A 380 -2.84 8.80 25.51
CA GLY A 380 -3.77 9.82 25.05
C GLY A 380 -3.26 11.25 25.22
N ALA A 381 -3.97 12.17 24.58
CA ALA A 381 -3.80 13.61 24.79
C ALA A 381 -5.03 14.16 25.50
N ASN A 382 -4.81 15.17 26.34
CA ASN A 382 -5.88 15.82 27.08
C ASN A 382 -6.01 17.27 26.62
N PHE A 383 -7.18 17.85 26.92
CA PHE A 383 -7.42 19.27 26.65
C PHE A 383 -7.63 20.03 27.98
N GLY A 384 -8.88 20.39 28.25
CA GLY A 384 -9.20 21.07 29.52
C GLY A 384 -9.38 20.04 30.61
N GLY A 385 -8.32 19.28 30.89
CA GLY A 385 -8.43 18.20 31.89
C GLY A 385 -9.34 17.10 31.38
N GLU A 386 -9.93 17.30 30.21
CA GLU A 386 -10.79 16.24 29.61
C GLU A 386 -9.95 15.50 28.56
N ARG A 387 -9.89 14.17 28.67
CA ARG A 387 -9.17 13.39 27.65
C ARG A 387 -9.94 13.51 26.34
N ILE A 388 -9.24 13.85 25.26
CA ILE A 388 -9.90 14.05 23.98
C ILE A 388 -10.37 12.71 23.43
N GLY A 389 -11.52 12.70 22.82
CA GLY A 389 -11.95 11.55 22.06
C GLY A 389 -11.44 11.67 20.64
N THR A 390 -11.33 10.52 19.97
CA THR A 390 -10.72 10.52 18.65
C THR A 390 -11.41 11.48 17.71
N PHE A 391 -12.74 11.37 17.59
CA PHE A 391 -13.46 12.08 16.55
C PHE A 391 -14.15 13.35 17.07
N ASP A 392 -13.73 13.87 18.22
CA ASP A 392 -14.01 15.23 18.64
C ASP A 392 -13.86 16.19 17.46
N LYS A 393 -14.84 17.08 17.27
CA LYS A 393 -14.91 17.89 16.06
C LYS A 393 -13.90 19.03 16.06
N GLU A 394 -13.45 19.49 17.22
CA GLU A 394 -12.52 20.61 17.30
C GLU A 394 -11.12 20.22 17.75
N HIS A 395 -10.97 19.16 18.53
CA HIS A 395 -9.68 18.80 19.10
C HIS A 395 -9.14 17.46 18.64
N GLY A 396 -9.84 16.77 17.74
CA GLY A 396 -9.46 15.46 17.30
C GLY A 396 -9.01 15.41 15.85
N VAL A 397 -9.08 14.22 15.27
CA VAL A 397 -8.49 14.02 13.95
C VAL A 397 -9.14 14.96 12.95
N GLN A 398 -8.32 15.79 12.30
CA GLN A 398 -8.68 16.63 11.16
C GLN A 398 -8.44 15.94 9.83
N THR A 399 -8.76 14.66 9.69
CA THR A 399 -8.22 13.91 8.56
C THR A 399 -9.23 13.40 7.55
N GLN A 400 -10.53 13.69 7.70
CA GLN A 400 -11.45 13.13 6.72
C GLN A 400 -11.34 13.82 5.37
N GLU A 401 -11.16 15.14 5.35
CA GLU A 401 -10.89 15.77 4.06
C GLU A 401 -9.85 14.96 3.30
N HIS A 402 -8.66 14.82 3.90
CA HIS A 402 -7.55 14.17 3.21
C HIS A 402 -7.78 12.67 3.10
N HIS A 403 -8.37 12.06 4.13
CA HIS A 403 -8.66 10.63 4.05
C HIS A 403 -9.47 10.30 2.82
N LYS A 404 -10.24 11.27 2.32
CA LYS A 404 -11.08 11.02 1.15
C LYS A 404 -10.27 11.14 -0.12
N ASP A 405 -9.46 12.19 -0.22
CA ASP A 405 -8.48 12.28 -1.30
C ASP A 405 -7.73 10.98 -1.48
N VAL A 406 -7.33 10.34 -0.38
CA VAL A 406 -6.48 9.17 -0.47
C VAL A 406 -7.25 7.98 -1.03
N ILE A 407 -8.48 7.76 -0.56
CA ILE A 407 -9.31 6.73 -1.18
C ILE A 407 -9.42 6.98 -2.67
N ARG A 408 -9.48 8.25 -3.06
CA ARG A 408 -9.66 8.57 -4.49
C ARG A 408 -8.38 8.22 -5.24
N ASP A 409 -7.27 8.82 -4.83
CA ASP A 409 -6.00 8.58 -5.53
C ASP A 409 -5.67 7.09 -5.58
N LEU A 410 -5.88 6.37 -4.47
CA LEU A 410 -5.50 4.97 -4.44
C LEU A 410 -6.26 4.16 -5.48
N ILE A 411 -7.58 4.31 -5.51
CA ILE A 411 -8.38 3.48 -6.41
C ILE A 411 -8.21 3.91 -7.86
N SER A 412 -7.99 5.22 -8.09
CA SER A 412 -7.69 5.67 -9.45
C SER A 412 -6.41 5.04 -9.97
N ARG A 413 -5.47 4.74 -9.07
CA ARG A 413 -4.18 4.20 -9.45
C ARG A 413 -4.25 2.70 -9.67
N ASP A 414 -4.88 1.97 -8.75
CA ASP A 414 -4.77 0.53 -8.72
C ASP A 414 -6.05 -0.18 -9.18
N LYS A 415 -6.99 0.56 -9.79
CA LYS A 415 -8.31 -0.01 -10.12
C LYS A 415 -8.19 -1.25 -10.99
N ASN A 416 -7.20 -1.28 -11.90
CA ASN A 416 -7.12 -2.34 -12.90
C ASN A 416 -6.39 -3.59 -12.43
N HIS A 417 -5.63 -3.51 -11.33
CA HIS A 417 -4.79 -4.62 -10.86
C HIS A 417 -5.64 -5.82 -10.45
N ALA A 418 -5.63 -6.89 -11.25
CA ALA A 418 -6.34 -8.09 -10.86
C ALA A 418 -5.89 -8.66 -9.51
N CYS A 419 -4.76 -8.23 -8.97
CA CYS A 419 -4.27 -8.83 -7.74
C CYS A 419 -4.94 -8.21 -6.52
N VAL A 420 -5.29 -6.93 -6.58
CA VAL A 420 -6.05 -6.25 -5.55
C VAL A 420 -7.44 -6.86 -5.49
N VAL A 421 -7.75 -7.61 -4.43
CA VAL A 421 -9.08 -8.21 -4.25
C VAL A 421 -9.87 -7.55 -3.13
N MET A 422 -9.44 -6.39 -2.64
CA MET A 422 -10.07 -5.84 -1.43
C MET A 422 -9.42 -4.53 -1.07
N TRP A 423 -10.15 -3.74 -0.30
CA TRP A 423 -9.70 -2.41 0.12
C TRP A 423 -9.71 -2.33 1.64
N SER A 424 -8.66 -1.76 2.19
CA SER A 424 -8.57 -1.52 3.63
C SER A 424 -8.60 -0.02 3.79
N ILE A 425 -9.66 0.48 4.43
CA ILE A 425 -9.85 1.91 4.57
C ILE A 425 -8.93 2.51 5.62
N ALA A 426 -8.63 1.75 6.68
CA ALA A 426 -7.86 2.26 7.80
C ALA A 426 -7.32 1.08 8.59
N ASN A 427 -6.24 1.33 9.34
CA ASN A 427 -5.64 0.31 10.19
C ASN A 427 -5.81 0.72 11.65
N GLU A 428 -6.44 -0.16 12.42
CA GLU A 428 -6.63 0.05 13.85
C GLU A 428 -7.15 1.44 14.22
N PRO A 429 -8.14 1.96 13.50
CA PRO A 429 -8.80 3.19 13.94
C PRO A 429 -9.61 2.92 15.20
N ASP A 430 -10.01 3.99 15.87
CA ASP A 430 -10.83 3.90 17.08
C ASP A 430 -12.28 3.61 16.68
N SER A 431 -12.50 2.43 16.12
CA SER A 431 -13.72 2.19 15.39
C SER A 431 -14.91 1.86 16.30
N ALA A 432 -14.68 1.70 17.61
CA ALA A 432 -15.76 1.44 18.54
C ALA A 432 -16.10 2.67 19.37
N ALA A 433 -15.80 3.86 18.85
CA ALA A 433 -15.89 5.06 19.64
C ALA A 433 -17.00 5.98 19.13
N GLU A 434 -17.44 6.87 20.02
CA GLU A 434 -18.30 7.97 19.60
C GLU A 434 -17.70 8.65 18.39
N GLY A 435 -18.51 8.85 17.36
CA GLY A 435 -18.05 9.53 16.18
C GLY A 435 -17.47 8.65 15.11
N ALA A 436 -17.24 7.37 15.41
CA ALA A 436 -16.53 6.50 14.48
C ALA A 436 -17.38 6.21 13.24
N TYR A 437 -18.59 5.66 13.45
CA TYR A 437 -19.47 5.35 12.33
C TYR A 437 -19.63 6.52 11.38
N ASP A 438 -19.79 7.73 11.92
CA ASP A 438 -20.03 8.87 11.05
C ASP A 438 -18.77 9.30 10.31
N TYR A 439 -17.57 8.92 10.79
CA TYR A 439 -16.32 9.21 10.10
C TYR A 439 -16.11 8.26 8.92
N PHE A 440 -16.45 6.98 9.09
CA PHE A 440 -16.13 5.98 8.09
C PHE A 440 -17.19 5.75 7.03
N LYS A 441 -18.49 5.88 7.37
CA LYS A 441 -19.54 5.70 6.37
C LYS A 441 -19.29 6.50 5.10
N PRO A 442 -19.04 7.80 5.15
CA PRO A 442 -18.73 8.53 3.91
C PRO A 442 -17.54 7.94 3.18
N LEU A 443 -16.58 7.35 3.90
CA LEU A 443 -15.35 6.81 3.28
C LEU A 443 -15.60 5.47 2.59
N TYR A 444 -16.28 4.53 3.26
CA TYR A 444 -16.68 3.29 2.58
C TYR A 444 -17.51 3.59 1.34
N ASP A 445 -18.59 4.36 1.50
CA ASP A 445 -19.43 4.70 0.35
C ASP A 445 -18.55 5.19 -0.79
N LEU A 446 -17.71 6.18 -0.52
CA LEU A 446 -16.83 6.70 -1.55
C LEU A 446 -15.95 5.60 -2.15
N ALA A 447 -15.65 4.55 -1.39
CA ALA A 447 -14.84 3.45 -1.91
C ALA A 447 -15.68 2.52 -2.76
N ARG A 448 -16.87 2.15 -2.28
CA ARG A 448 -17.67 1.22 -3.07
C ARG A 448 -18.25 1.88 -4.33
N GLU A 449 -18.21 3.20 -4.42
CA GLU A 449 -18.73 3.87 -5.60
C GLU A 449 -17.64 4.17 -6.63
N LEU A 450 -16.38 4.38 -6.19
CA LEU A 450 -15.28 4.70 -7.11
C LEU A 450 -14.60 3.48 -7.71
N ASP A 451 -14.78 2.29 -7.12
CA ASP A 451 -14.12 1.08 -7.61
C ASP A 451 -14.95 0.42 -8.70
N PRO A 452 -14.53 0.55 -9.96
CA PRO A 452 -15.28 -0.08 -11.07
C PRO A 452 -15.64 -1.55 -10.85
N GLN A 453 -14.92 -2.31 -10.04
CA GLN A 453 -15.20 -3.73 -9.88
C GLN A 453 -16.01 -4.02 -8.63
N LYS A 454 -16.48 -2.98 -7.92
CA LYS A 454 -17.29 -3.15 -6.71
C LYS A 454 -16.68 -4.20 -5.79
N ARG A 455 -15.44 -3.94 -5.39
CA ARG A 455 -14.69 -4.92 -4.62
C ARG A 455 -14.98 -4.78 -3.14
N PRO A 456 -14.80 -5.87 -2.38
CA PRO A 456 -15.05 -5.82 -0.93
C PRO A 456 -14.23 -4.74 -0.25
N CYS A 457 -14.78 -4.21 0.84
CA CYS A 457 -14.16 -3.12 1.58
C CYS A 457 -14.08 -3.52 3.04
N THR A 458 -13.01 -3.12 3.71
CA THR A 458 -12.85 -3.48 5.11
C THR A 458 -12.09 -2.39 5.84
N LEU A 459 -11.82 -2.68 7.11
CA LEU A 459 -10.88 -1.93 7.93
C LEU A 459 -10.36 -2.91 8.97
N VAL A 460 -9.16 -2.65 9.48
CA VAL A 460 -8.47 -3.60 10.34
C VAL A 460 -8.75 -3.19 11.78
N SER A 461 -9.38 -4.07 12.54
CA SER A 461 -9.92 -3.71 13.86
C SER A 461 -8.90 -3.93 14.97
N VAL A 462 -8.61 -2.86 15.72
CA VAL A 462 -7.68 -2.96 16.83
C VAL A 462 -8.21 -3.90 17.91
N GLN A 463 -7.29 -4.43 18.70
CA GLN A 463 -7.69 -5.24 19.85
C GLN A 463 -8.63 -4.44 20.71
N GLY A 464 -9.61 -5.11 21.30
CA GLY A 464 -10.55 -4.44 22.15
C GLY A 464 -11.94 -4.41 21.57
N THR A 465 -12.06 -4.14 20.27
CA THR A 465 -13.38 -4.17 19.65
C THR A 465 -13.99 -5.57 19.73
N THR A 466 -15.31 -5.59 19.79
CA THR A 466 -16.11 -6.81 19.76
C THR A 466 -17.07 -6.67 18.60
N ALA A 467 -17.72 -7.79 18.24
CA ALA A 467 -18.72 -7.75 17.18
C ALA A 467 -19.79 -6.70 17.47
N ASP A 468 -20.29 -6.69 18.71
CA ASP A 468 -21.33 -5.74 19.09
C ASP A 468 -20.89 -4.30 18.95
N THR A 469 -19.62 -3.98 19.19
CA THR A 469 -19.23 -2.56 19.33
C THR A 469 -18.51 -2.00 18.13
N ASP A 470 -18.07 -2.82 17.17
CA ASP A 470 -17.20 -2.36 16.09
C ASP A 470 -18.01 -1.81 14.93
N CYS A 471 -17.86 -0.52 14.65
CA CYS A 471 -18.52 0.04 13.48
C CYS A 471 -18.17 -0.69 12.20
N SER A 472 -17.19 -1.59 12.23
CA SER A 472 -16.88 -2.40 11.06
C SER A 472 -17.85 -3.57 10.90
N SER A 473 -18.58 -3.94 11.96
CA SER A 473 -19.52 -5.02 11.80
C SER A 473 -20.59 -4.66 10.75
N GLN A 474 -20.91 -3.37 10.61
CA GLN A 474 -21.93 -2.90 9.66
C GLN A 474 -21.34 -2.51 8.31
N LEU A 475 -20.29 -1.69 8.29
CA LEU A 475 -19.79 -1.16 7.01
C LEU A 475 -19.03 -2.17 6.16
N SER A 476 -18.46 -3.21 6.77
CA SER A 476 -17.40 -3.99 6.13
C SER A 476 -17.94 -5.28 5.51
N ASP A 477 -17.50 -5.56 4.28
CA ASP A 477 -17.81 -6.85 3.66
C ASP A 477 -17.05 -8.00 4.32
N VAL A 478 -15.88 -7.74 4.92
CA VAL A 478 -15.09 -8.77 5.62
C VAL A 478 -14.53 -8.21 6.92
N ILE A 479 -14.54 -9.02 7.97
CA ILE A 479 -14.01 -8.60 9.26
C ILE A 479 -12.52 -8.97 9.33
N CYS A 480 -11.68 -7.98 9.60
CA CYS A 480 -10.21 -8.12 9.68
C CYS A 480 -9.76 -7.77 11.08
N LEU A 481 -9.34 -8.77 11.84
CA LEU A 481 -8.88 -8.57 13.21
C LEU A 481 -7.34 -8.54 13.31
N ASN A 482 -6.83 -7.66 14.18
CA ASN A 482 -5.44 -7.65 14.66
C ASN A 482 -5.51 -8.05 16.14
N ARG A 483 -5.16 -9.28 16.44
CA ARG A 483 -5.27 -9.77 17.81
C ARG A 483 -3.94 -10.32 18.30
N TYR A 484 -3.71 -10.23 19.60
CA TYR A 484 -2.45 -10.57 20.21
C TYR A 484 -2.66 -11.41 21.46
N TYR A 485 -3.57 -12.38 21.37
CA TYR A 485 -3.75 -13.31 22.48
C TYR A 485 -2.52 -14.18 22.57
N GLY A 486 -1.82 -14.11 23.70
CA GLY A 486 -0.55 -14.81 23.82
C GLY A 486 0.67 -13.92 23.64
N TRP A 487 0.49 -12.64 23.31
CA TRP A 487 1.57 -11.68 23.37
C TRP A 487 1.15 -10.61 24.37
N TYR A 488 0.73 -9.42 23.91
CA TYR A 488 0.35 -8.35 24.83
C TYR A 488 -0.75 -8.79 25.79
N PHE A 489 -1.69 -9.58 25.32
CA PHE A 489 -2.87 -9.98 26.08
C PHE A 489 -2.74 -11.46 26.40
N GLY A 490 -2.27 -11.78 27.61
CA GLY A 490 -2.27 -13.12 28.12
C GLY A 490 -0.89 -13.75 28.23
N GLY A 491 0.07 -13.31 27.42
CA GLY A 491 1.39 -13.92 27.41
C GLY A 491 2.12 -13.70 28.72
N PRO A 492 2.78 -14.74 29.24
CA PRO A 492 3.15 -16.01 28.57
C PRO A 492 2.24 -17.20 28.78
N ASP A 493 0.98 -16.99 29.16
CA ASP A 493 0.08 -18.10 29.44
C ASP A 493 -0.74 -18.39 28.18
N LEU A 494 -0.23 -19.33 27.36
CA LEU A 494 -0.87 -19.61 26.08
C LEU A 494 -2.18 -20.36 26.26
N GLU A 495 -2.31 -21.16 27.32
CA GLU A 495 -3.57 -21.82 27.57
C GLU A 495 -4.69 -20.80 27.86
N VAL A 496 -4.53 -20.01 28.91
CA VAL A 496 -5.50 -18.94 29.18
C VAL A 496 -5.75 -18.12 27.92
N SER A 497 -4.68 -17.69 27.25
CA SER A 497 -4.84 -16.88 26.04
C SER A 497 -5.72 -17.58 25.02
N GLU A 498 -5.59 -18.91 24.91
CA GLU A 498 -6.44 -19.69 23.99
C GLU A 498 -7.91 -19.50 24.31
N THR A 499 -8.28 -19.68 25.60
CA THR A 499 -9.66 -19.50 25.99
C THR A 499 -10.14 -18.11 25.63
N GLY A 500 -9.28 -17.11 25.77
CA GLY A 500 -9.67 -15.78 25.38
C GLY A 500 -9.97 -15.70 23.91
N LEU A 501 -9.03 -16.17 23.10
CA LEU A 501 -9.20 -16.10 21.66
C LEU A 501 -10.45 -16.86 21.20
N ARG A 502 -10.64 -18.09 21.69
CA ARG A 502 -11.83 -18.83 21.29
C ARG A 502 -13.11 -18.08 21.66
N LYS A 503 -13.15 -17.50 22.87
CA LYS A 503 -14.33 -16.76 23.28
C LYS A 503 -14.61 -15.60 22.35
N GLU A 504 -13.63 -14.73 22.12
CA GLU A 504 -13.91 -13.61 21.24
C GLU A 504 -14.22 -14.09 19.83
N LEU A 505 -13.46 -15.06 19.33
CA LEU A 505 -13.64 -15.50 17.94
C LEU A 505 -15.03 -16.07 17.74
N SER A 506 -15.46 -16.95 18.66
CA SER A 506 -16.82 -17.48 18.62
C SER A 506 -17.83 -16.37 18.44
N ASP A 507 -17.66 -15.26 19.16
CA ASP A 507 -18.60 -14.16 19.06
C ASP A 507 -18.68 -13.65 17.62
N TRP A 508 -17.55 -13.23 17.05
CA TRP A 508 -17.54 -12.69 15.69
C TRP A 508 -18.27 -13.61 14.70
N GLY A 509 -18.32 -14.93 14.98
CA GLY A 509 -19.02 -15.82 14.08
C GLY A 509 -20.47 -15.43 13.88
N LYS A 510 -21.08 -14.81 14.90
CA LYS A 510 -22.50 -14.51 14.87
C LYS A 510 -22.87 -13.43 13.85
N LEU A 511 -21.92 -12.74 13.25
CA LEU A 511 -22.28 -11.80 12.19
C LEU A 511 -22.59 -12.48 10.87
N GLY A 512 -22.26 -13.77 10.73
CA GLY A 512 -22.33 -14.43 9.44
C GLY A 512 -21.45 -13.89 8.31
N LYS A 513 -20.61 -12.88 8.57
CA LYS A 513 -19.66 -12.42 7.57
C LYS A 513 -18.36 -13.22 7.64
N PRO A 514 -17.50 -13.10 6.61
CA PRO A 514 -16.17 -13.75 6.70
C PRO A 514 -15.22 -12.99 7.61
N VAL A 515 -14.48 -13.76 8.42
CA VAL A 515 -13.50 -13.24 9.38
C VAL A 515 -12.11 -13.72 8.96
N MET A 516 -11.13 -12.81 9.02
CA MET A 516 -9.75 -13.18 8.85
C MET A 516 -8.87 -12.38 9.80
N PHE A 517 -7.73 -12.97 10.20
CA PHE A 517 -6.76 -12.24 11.01
C PHE A 517 -5.72 -11.60 10.11
N THR A 518 -5.65 -10.28 10.12
CA THR A 518 -4.67 -9.56 9.30
C THR A 518 -3.39 -9.30 10.05
N GLU A 519 -3.35 -9.58 11.36
CA GLU A 519 -2.18 -9.34 12.21
C GLU A 519 -2.26 -10.21 13.46
N TYR A 520 -1.28 -11.06 13.66
CA TYR A 520 -1.01 -11.69 14.95
C TYR A 520 0.46 -12.10 14.96
N GLY A 521 1.08 -12.12 16.13
CA GLY A 521 2.52 -12.31 16.18
C GLY A 521 3.13 -12.04 17.54
N ALA A 522 4.41 -12.37 17.64
CA ALA A 522 5.12 -12.30 18.91
C ALA A 522 6.57 -11.96 18.66
N ASP A 523 7.04 -10.84 19.22
CA ASP A 523 8.42 -10.41 19.09
C ASP A 523 9.37 -11.54 19.41
N THR A 524 10.33 -11.74 18.52
CA THR A 524 11.26 -12.86 18.59
C THR A 524 12.60 -12.35 18.08
N VAL A 525 13.62 -12.33 18.94
CA VAL A 525 14.96 -11.96 18.53
C VAL A 525 15.62 -13.20 17.96
N SER A 526 15.86 -13.19 16.66
CA SER A 526 16.55 -14.28 16.00
C SER A 526 17.80 -14.66 16.77
N GLY A 527 17.89 -15.94 17.16
CA GLY A 527 19.04 -16.47 17.89
C GLY A 527 18.69 -16.96 19.28
N LEU A 528 17.65 -16.39 19.89
CA LEU A 528 17.29 -16.73 21.26
C LEU A 528 16.40 -17.97 21.25
N HIS A 529 16.80 -18.97 22.06
CA HIS A 529 16.19 -20.29 22.08
C HIS A 529 16.05 -20.78 23.52
N ASP A 530 15.11 -21.71 23.72
CA ASP A 530 15.09 -22.50 24.94
C ASP A 530 14.28 -23.74 24.67
N THR A 531 14.69 -24.87 25.25
CA THR A 531 13.86 -26.06 25.12
C THR A 531 12.48 -25.82 25.75
N THR A 532 12.44 -25.25 26.97
CA THR A 532 11.19 -24.78 27.57
C THR A 532 11.13 -23.27 27.36
N SER A 533 10.23 -22.84 26.46
CA SER A 533 10.32 -21.51 25.88
C SER A 533 9.94 -20.42 26.89
N VAL A 534 10.40 -19.21 26.59
CA VAL A 534 10.01 -17.97 27.26
C VAL A 534 9.76 -16.93 26.16
N MET A 535 9.13 -15.82 26.54
CA MET A 535 8.83 -14.83 25.51
C MET A 535 10.11 -14.31 24.85
N TYR A 536 10.00 -13.97 23.58
CA TYR A 536 11.07 -13.46 22.74
C TYR A 536 11.94 -14.58 22.13
N THR A 537 11.83 -15.82 22.59
CA THR A 537 12.58 -16.88 21.94
C THR A 537 11.89 -17.35 20.68
N GLU A 538 12.65 -18.04 19.81
CA GLU A 538 12.04 -18.60 18.61
C GLU A 538 11.07 -19.71 18.96
N GLU A 539 11.29 -20.39 20.07
CA GLU A 539 10.38 -21.47 20.43
C GLU A 539 9.04 -20.90 20.85
N TYR A 540 9.06 -19.83 21.64
CA TYR A 540 7.80 -19.20 22.02
C TYR A 540 7.05 -18.71 20.78
N GLN A 541 7.76 -18.09 19.85
CA GLN A 541 7.07 -17.58 18.67
C GLN A 541 6.37 -18.71 17.92
N VAL A 542 7.01 -19.88 17.78
CA VAL A 542 6.33 -21.00 17.12
C VAL A 542 5.11 -21.45 17.93
N GLU A 543 5.27 -21.60 19.26
CA GLU A 543 4.15 -22.06 20.08
C GLU A 543 2.98 -21.09 20.02
N TYR A 544 3.27 -19.80 20.01
CA TYR A 544 2.19 -18.82 19.92
C TYR A 544 1.37 -19.00 18.65
N TYR A 545 2.01 -19.33 17.55
CA TYR A 545 1.26 -19.50 16.31
C TYR A 545 0.55 -20.85 16.28
N GLU A 546 1.10 -21.86 16.95
CA GLU A 546 0.37 -23.10 17.07
C GLU A 546 -0.96 -22.88 17.77
N MET A 547 -0.93 -22.18 18.92
CA MET A 547 -2.15 -21.95 19.67
C MET A 547 -3.16 -21.15 18.86
N ASN A 548 -2.76 -19.98 18.37
CA ASN A 548 -3.67 -19.21 17.52
C ASN A 548 -4.23 -20.06 16.36
N ASN A 549 -3.37 -20.73 15.61
CA ASN A 549 -3.86 -21.44 14.44
C ASN A 549 -4.80 -22.59 14.84
N LYS A 550 -4.55 -23.23 15.98
CA LYS A 550 -5.46 -24.28 16.40
C LYS A 550 -6.87 -23.74 16.49
N VAL A 551 -7.01 -22.55 17.08
CA VAL A 551 -8.34 -21.97 17.26
C VAL A 551 -8.88 -21.50 15.91
N PHE A 552 -8.06 -20.86 15.08
CA PHE A 552 -8.54 -20.50 13.75
C PHE A 552 -9.21 -21.69 13.08
N ASP A 553 -8.57 -22.85 13.12
CA ASP A 553 -9.06 -23.98 12.33
C ASP A 553 -10.39 -24.54 12.85
N GLU A 554 -10.83 -24.13 14.04
CA GLU A 554 -12.08 -24.59 14.62
C GLU A 554 -13.31 -23.94 14.02
N PHE A 555 -13.15 -22.84 13.29
CA PHE A 555 -14.28 -22.02 12.88
C PHE A 555 -14.26 -21.88 11.37
N ASP A 556 -15.30 -22.37 10.72
CA ASP A 556 -15.37 -22.39 9.26
C ASP A 556 -15.66 -21.02 8.65
N PHE A 557 -15.91 -19.99 9.46
CA PHE A 557 -16.04 -18.65 8.90
C PHE A 557 -14.71 -17.90 8.88
N VAL A 558 -13.66 -18.45 9.48
CA VAL A 558 -12.32 -17.87 9.36
C VAL A 558 -11.74 -18.26 8.00
N VAL A 559 -11.48 -17.26 7.17
CA VAL A 559 -11.10 -17.49 5.78
C VAL A 559 -9.71 -16.94 5.47
N GLY A 560 -8.89 -16.71 6.49
CA GLY A 560 -7.58 -16.15 6.23
C GLY A 560 -6.74 -15.93 7.47
N GLU A 561 -5.44 -16.27 7.36
CA GLU A 561 -4.46 -15.93 8.38
C GLU A 561 -3.35 -15.14 7.72
N GLN A 562 -3.07 -13.98 8.27
CA GLN A 562 -1.95 -13.18 7.80
C GLN A 562 -1.13 -12.85 9.03
N ALA A 563 0.07 -13.44 9.12
CA ALA A 563 0.97 -13.14 10.24
C ALA A 563 1.46 -11.70 10.22
N TRP A 564 1.77 -11.20 11.40
CA TRP A 564 2.44 -9.93 11.57
C TRP A 564 3.73 -10.23 12.30
N ASN A 565 4.87 -9.86 11.70
CA ASN A 565 4.97 -9.30 10.32
C ASN A 565 5.76 -10.27 9.44
N PHE A 566 5.86 -10.00 8.15
CA PHE A 566 6.65 -10.84 7.22
C PHE A 566 8.11 -10.78 7.66
N ALA A 567 8.54 -9.57 8.03
CA ALA A 567 9.96 -9.42 8.38
C ALA A 567 10.16 -8.30 9.39
N ASP A 568 11.19 -8.43 10.22
CA ASP A 568 11.59 -7.39 11.16
C ASP A 568 11.77 -6.04 10.46
N PHE A 569 11.27 -4.98 11.10
CA PHE A 569 11.29 -3.64 10.50
C PHE A 569 11.52 -2.57 11.58
N ALA A 570 11.89 -1.39 11.11
CA ALA A 570 12.35 -0.32 12.01
C ALA A 570 11.20 0.48 12.62
N THR A 571 11.40 0.92 13.86
CA THR A 571 10.43 1.74 14.58
C THR A 571 11.15 2.84 15.34
N SER A 572 10.40 3.86 15.74
CA SER A 572 10.91 4.80 16.74
C SER A 572 11.37 4.02 17.96
N GLN A 573 12.39 4.54 18.65
CA GLN A 573 12.91 3.85 19.81
C GLN A 573 11.94 3.92 21.01
N SER A 574 12.00 2.89 21.86
CA SER A 574 11.26 2.83 23.11
C SER A 574 11.59 1.50 23.78
N LEU A 575 11.26 1.40 25.07
CA LEU A 575 11.57 0.18 25.81
C LEU A 575 10.94 -1.07 25.18
N LEU A 576 9.81 -0.93 24.49
CA LEU A 576 9.09 -2.10 24.03
C LEU A 576 9.59 -2.61 22.68
N ARG A 577 10.62 -2.00 22.12
CA ARG A 577 10.98 -2.20 20.73
C ARG A 577 12.47 -2.54 20.67
N VAL A 578 12.80 -3.83 20.57
CA VAL A 578 14.20 -4.25 20.65
C VAL A 578 14.91 -4.03 19.32
N GLN A 579 15.43 -2.83 19.16
CA GLN A 579 16.06 -2.39 17.91
C GLN A 579 15.11 -2.59 16.73
N GLY A 580 13.88 -2.17 16.92
CA GLY A 580 12.85 -2.25 15.89
C GLY A 580 11.76 -3.21 16.33
N ASN A 581 10.86 -3.48 15.42
CA ASN A 581 9.81 -4.45 15.66
C ASN A 581 10.34 -5.82 15.29
N LYS A 582 10.49 -6.73 16.26
CA LYS A 582 11.01 -8.05 15.96
C LYS A 582 9.91 -9.11 15.78
N LYS A 583 8.73 -8.72 15.32
CA LYS A 583 7.66 -9.69 15.12
C LYS A 583 7.73 -10.39 13.77
N GLY A 584 8.82 -10.20 13.03
CA GLY A 584 8.90 -10.77 11.70
C GLY A 584 9.06 -12.28 11.74
N LEU A 585 8.47 -12.92 10.73
CA LEU A 585 8.77 -14.33 10.48
C LEU A 585 10.21 -14.49 10.00
N PHE A 586 10.72 -13.44 9.35
CA PHE A 586 12.05 -13.35 8.80
C PHE A 586 12.78 -12.15 9.39
N THR A 587 14.11 -12.25 9.48
CA THR A 587 14.89 -11.10 9.94
C THR A 587 14.82 -9.98 8.90
N ARG A 588 15.26 -8.79 9.29
CA ARG A 588 15.12 -7.67 8.35
C ARG A 588 15.84 -7.93 7.03
N ASP A 589 16.91 -8.74 7.03
CA ASP A 589 17.55 -9.18 5.78
C ASP A 589 16.98 -10.50 5.26
N ARG A 590 15.71 -10.78 5.53
CA ARG A 590 15.00 -11.89 4.91
C ARG A 590 15.52 -13.27 5.28
N LYS A 591 16.15 -13.43 6.43
CA LYS A 591 16.55 -14.79 6.74
C LYS A 591 15.58 -15.40 7.73
N PRO A 592 15.26 -16.68 7.51
CA PRO A 592 14.15 -17.30 8.24
C PRO A 592 14.42 -17.46 9.73
N LYS A 593 13.46 -17.03 10.52
CA LYS A 593 13.38 -17.49 11.89
C LYS A 593 12.75 -18.89 11.90
N MET A 594 12.84 -19.57 13.03
CA MET A 594 12.33 -20.94 13.06
C MET A 594 10.86 -21.01 12.65
N VAL A 595 10.07 -20.00 13.05
CA VAL A 595 8.64 -19.97 12.74
C VAL A 595 8.40 -19.99 11.25
N ALA A 596 9.34 -19.47 10.45
CA ALA A 596 9.16 -19.46 9.01
C ALA A 596 9.03 -20.87 8.46
N HIS A 597 9.75 -21.83 9.05
CA HIS A 597 9.64 -23.21 8.60
C HIS A 597 8.36 -23.83 9.09
N TYR A 598 8.01 -23.60 10.37
CA TYR A 598 6.70 -24.00 10.85
C TYR A 598 5.61 -23.58 9.85
N PHE A 599 5.52 -22.28 9.56
CA PHE A 599 4.46 -21.81 8.67
C PHE A 599 4.54 -22.49 7.30
N ARG A 600 5.75 -22.54 6.73
CA ARG A 600 5.94 -23.16 5.42
C ARG A 600 5.40 -24.58 5.40
N ASN A 601 5.56 -25.31 6.50
CA ASN A 601 5.02 -26.66 6.56
C ASN A 601 3.50 -26.65 6.72
N ARG A 602 2.95 -25.77 7.57
CA ARG A 602 1.49 -25.67 7.70
C ARG A 602 0.86 -25.22 6.39
N TRP A 603 1.39 -24.14 5.80
CA TRP A 603 0.78 -23.67 4.56
C TRP A 603 0.91 -24.69 3.44
N SER A 604 1.89 -25.59 3.53
CA SER A 604 2.02 -26.60 2.48
C SER A 604 0.83 -27.56 2.51
N ALA A 605 0.40 -28.00 3.68
CA ALA A 605 -0.76 -28.87 3.82
C ALA A 605 -2.07 -28.08 3.84
N ILE A 606 -2.16 -26.92 3.17
CA ILE A 606 -3.40 -26.12 3.16
C ILE A 606 -3.61 -25.42 1.82
N PRO A 607 -4.70 -25.68 1.12
CA PRO A 607 -4.84 -25.20 -0.27
C PRO A 607 -5.27 -23.75 -0.36
N GLU A 608 -5.11 -23.21 -1.56
CA GLU A 608 -5.69 -21.91 -1.89
C GLU A 608 -7.23 -21.92 -1.84
N PHE A 609 -7.87 -23.07 -2.15
CA PHE A 609 -9.32 -23.14 -2.31
C PHE A 609 -9.87 -24.41 -1.68
N GLY A 610 -11.02 -24.30 -1.01
CA GLY A 610 -11.67 -25.45 -0.42
C GLY A 610 -11.17 -25.86 0.94
N TYR A 611 -10.32 -25.07 1.60
CA TYR A 611 -9.88 -25.44 2.95
C TYR A 611 -11.07 -25.60 3.90
N LYS A 612 -12.19 -24.93 3.62
CA LYS A 612 -13.46 -25.09 4.36
C LYS A 612 -14.51 -26.00 3.66
#